data_3F31
#
_entry.id   3F31
#
_cell.length_a   57.720
_cell.length_b   71.460
_cell.length_c   80.810
_cell.angle_alpha   90.00
_cell.angle_beta   90.00
_cell.angle_gamma   90.00
#
_symmetry.space_group_name_H-M   'P 21 21 21'
#
loop_
_entity.id
_entity.type
_entity.pdbx_description
1 polymer 'Spectrin alpha chain, brain'
2 water water
#
_entity_poly.entity_id   1
_entity_poly.type   'polypeptide(L)'
_entity_poly.pdbx_seq_one_letter_code
;GSMDPSGVKVLETAEDIQERRQQVLDRYHRFKELSTLRRQKLEDSYRFQFFQRDAEELEKWIQEKLQIASDENYKDPTNL
QGKLQKHQAFEAEVQANSGAIVKLDETGNLMISEGHFASETIRTRLMELHRQWELLLEKMREKGIKLLQ
;
_entity_poly.pdbx_strand_id   A,B
#
# COMPACT_ATOMS: atom_id res chain seq x y z
N THR A 13 14.44 -3.96 48.43
CA THR A 13 14.25 -4.10 46.98
C THR A 13 14.34 -2.74 46.31
N ALA A 14 14.17 -1.68 47.09
CA ALA A 14 14.20 -0.32 46.54
C ALA A 14 15.52 0.00 45.86
N GLU A 15 16.63 -0.42 46.47
CA GLU A 15 17.95 -0.21 45.89
C GLU A 15 18.27 -1.25 44.80
N ASP A 16 17.76 -2.47 44.99
CA ASP A 16 17.92 -3.52 44.01
C ASP A 16 17.36 -3.11 42.65
N ILE A 17 16.12 -2.64 42.66
CA ILE A 17 15.44 -2.25 41.42
C ILE A 17 15.93 -0.90 40.91
N GLN A 18 17.04 -0.44 41.46
CA GLN A 18 17.66 0.80 41.01
C GLN A 18 19.00 0.50 40.36
N GLU A 19 19.64 -0.58 40.82
CA GLU A 19 20.86 -1.05 40.19
C GLU A 19 20.57 -1.53 38.78
N ARG A 20 19.45 -2.23 38.62
CA ARG A 20 19.03 -2.74 37.32
C ARG A 20 18.87 -1.63 36.30
N ARG A 21 18.03 -0.65 36.64
CA ARG A 21 17.71 0.44 35.73
C ARG A 21 18.87 1.41 35.56
N GLN A 22 19.99 1.10 36.19
CA GLN A 22 21.20 1.88 36.04
C GLN A 22 22.23 1.12 35.20
N GLN A 23 22.31 -0.19 35.42
CA GLN A 23 23.20 -1.06 34.67
C GLN A 23 22.83 -1.07 33.19
N VAL A 24 21.55 -1.30 32.93
CA VAL A 24 21.04 -1.32 31.56
C VAL A 24 21.20 0.06 30.90
N LEU A 25 20.75 1.09 31.60
CA LEU A 25 20.85 2.46 31.10
C LEU A 25 22.31 2.82 30.79
N ASP A 26 23.23 2.12 31.45
CA ASP A 26 24.66 2.36 31.28
C ASP A 26 25.14 1.78 29.95
N ARG A 27 24.73 0.55 29.66
CA ARG A 27 25.08 -0.12 28.41
C ARG A 27 24.16 0.32 27.27
N TYR A 28 23.01 0.85 27.64
CA TYR A 28 22.04 1.33 26.65
C TYR A 28 22.69 2.30 25.67
N HIS A 29 23.79 2.93 26.11
CA HIS A 29 24.55 3.83 25.26
C HIS A 29 26.05 3.73 25.53
N ARG A 30 26.80 3.29 24.53
CA ARG A 30 28.25 3.22 24.60
C ARG A 30 28.82 3.97 23.41
N PHE A 31 28.03 4.00 22.34
CA PHE A 31 28.29 4.81 21.16
C PHE A 31 26.97 4.90 20.40
N LYS A 32 26.47 6.11 20.20
CA LYS A 32 25.13 6.30 19.63
C LYS A 32 24.99 5.69 18.24
N GLU A 33 26.04 5.83 17.43
CA GLU A 33 26.02 5.31 16.06
C GLU A 33 25.73 3.82 15.99
N LEU A 34 26.24 3.04 16.95
CA LEU A 34 25.97 1.61 17.00
C LEU A 34 24.51 1.34 17.34
N SER A 35 23.94 2.20 18.17
CA SER A 35 22.54 2.10 18.51
C SER A 35 21.71 2.45 17.28
N THR A 36 22.16 3.46 16.56
CA THR A 36 21.51 3.88 15.32
C THR A 36 21.52 2.75 14.28
N LEU A 37 22.68 2.11 14.06
CA LEU A 37 22.73 0.96 13.15
C LEU A 37 21.72 -0.12 13.54
N ARG A 38 21.59 -0.39 14.83
CA ARG A 38 20.69 -1.43 15.32
C ARG A 38 19.23 -1.22 14.93
N ARG A 39 18.67 -0.06 15.29
CA ARG A 39 17.26 0.19 15.00
C ARG A 39 17.02 0.47 13.53
N GLN A 40 18.05 0.92 12.84
CA GLN A 40 18.03 1.01 11.38
C GLN A 40 17.85 -0.39 10.82
N LYS A 41 18.49 -1.36 11.44
CA LYS A 41 18.39 -2.76 11.03
C LYS A 41 16.98 -3.28 11.23
N LEU A 42 16.35 -2.86 12.32
CA LEU A 42 14.99 -3.25 12.66
C LEU A 42 13.96 -2.60 11.74
N GLU A 43 14.16 -1.32 11.45
CA GLU A 43 13.26 -0.59 10.57
C GLU A 43 13.30 -1.14 9.15
N ASP A 44 14.50 -1.40 8.65
CA ASP A 44 14.67 -1.94 7.31
C ASP A 44 13.89 -3.24 7.17
N SER A 45 13.86 -4.05 8.23
CA SER A 45 13.20 -5.35 8.18
C SER A 45 11.70 -5.20 8.02
N TYR A 46 11.11 -4.30 8.80
CA TYR A 46 9.67 -4.13 8.79
C TYR A 46 9.24 -3.37 7.54
N ARG A 47 10.09 -2.44 7.10
CA ARG A 47 9.85 -1.74 5.85
C ARG A 47 9.80 -2.72 4.69
N PHE A 48 10.70 -3.69 4.71
CA PHE A 48 10.73 -4.73 3.70
C PHE A 48 9.45 -5.58 3.78
N GLN A 49 9.05 -5.94 5.01
CA GLN A 49 7.86 -6.76 5.20
C GLN A 49 6.62 -6.11 4.62
N PHE A 50 6.48 -4.80 4.82
CA PHE A 50 5.32 -4.08 4.32
C PHE A 50 5.30 -4.08 2.80
N PHE A 51 6.44 -3.77 2.19
CA PHE A 51 6.58 -3.83 0.76
C PHE A 51 6.19 -5.20 0.18
N GLN A 52 6.73 -6.27 0.76
CA GLN A 52 6.44 -7.61 0.24
C GLN A 52 4.96 -7.93 0.28
N ARG A 53 4.31 -7.59 1.40
CA ARG A 53 2.90 -7.86 1.57
C ARG A 53 2.06 -7.05 0.60
N ASP A 54 2.51 -5.83 0.32
CA ASP A 54 1.82 -4.99 -0.64
C ASP A 54 2.03 -5.47 -2.08
N ALA A 55 3.25 -5.91 -2.39
CA ALA A 55 3.55 -6.40 -3.73
C ALA A 55 2.76 -7.66 -4.07
N GLU A 56 2.65 -8.59 -3.12
CA GLU A 56 1.90 -9.82 -3.36
C GLU A 56 0.42 -9.52 -3.55
N GLU A 57 -0.08 -8.51 -2.84
CA GLU A 57 -1.47 -8.10 -2.98
C GLU A 57 -1.72 -7.56 -4.38
N LEU A 58 -0.85 -6.67 -4.87
CA LEU A 58 -1.04 -6.14 -6.23
C LEU A 58 -0.81 -7.24 -7.27
N GLU A 59 0.16 -8.11 -7.00
CA GLU A 59 0.48 -9.21 -7.88
C GLU A 59 -0.74 -10.13 -8.07
N LYS A 60 -1.38 -10.43 -6.95
CA LYS A 60 -2.56 -11.29 -6.91
C LYS A 60 -3.75 -10.64 -7.64
N TRP A 61 -3.93 -9.34 -7.45
CA TRP A 61 -5.04 -8.61 -8.06
C TRP A 61 -4.87 -8.51 -9.57
N ILE A 62 -3.64 -8.28 -10.01
CA ILE A 62 -3.35 -8.14 -11.43
C ILE A 62 -3.61 -9.44 -12.19
N GLN A 63 -3.20 -10.56 -11.60
CA GLN A 63 -3.35 -11.86 -12.26
C GLN A 63 -4.83 -12.25 -12.39
N GLU A 64 -5.62 -11.91 -11.37
CA GLU A 64 -7.05 -12.13 -11.43
C GLU A 64 -7.66 -11.34 -12.57
N LYS A 65 -7.04 -10.21 -12.90
CA LYS A 65 -7.55 -9.34 -13.95
C LYS A 65 -7.21 -9.86 -15.35
N LEU A 66 -5.97 -10.30 -15.53
CA LEU A 66 -5.54 -10.87 -16.81
C LEU A 66 -6.39 -12.08 -17.18
N GLN A 67 -6.78 -12.86 -16.18
CA GLN A 67 -7.58 -14.05 -16.41
C GLN A 67 -8.98 -13.67 -16.87
N ILE A 68 -9.61 -12.75 -16.14
CA ILE A 68 -10.94 -12.25 -16.50
C ILE A 68 -10.93 -11.67 -17.91
N ALA A 69 -9.85 -10.98 -18.25
CA ALA A 69 -9.70 -10.39 -19.58
C ALA A 69 -9.69 -11.48 -20.67
N SER A 70 -10.09 -12.69 -20.29
CA SER A 70 -10.23 -13.78 -21.25
C SER A 70 -10.97 -14.98 -20.65
N ASP A 71 -12.28 -14.87 -20.54
CA ASP A 71 -13.11 -16.00 -20.13
C ASP A 71 -13.86 -16.51 -21.34
N GLU A 72 -15.00 -15.88 -21.63
CA GLU A 72 -15.71 -16.09 -22.89
C GLU A 72 -15.49 -14.88 -23.78
N ASN A 73 -14.98 -15.12 -24.99
CA ASN A 73 -14.71 -14.04 -25.93
C ASN A 73 -15.90 -13.74 -26.82
N TYR A 74 -16.15 -14.61 -27.81
CA TYR A 74 -17.28 -14.45 -28.71
C TYR A 74 -18.37 -15.47 -28.38
N LYS A 75 -19.25 -15.13 -27.44
CA LYS A 75 -20.32 -16.02 -27.03
C LYS A 75 -21.69 -15.48 -27.43
N ASP A 76 -22.75 -16.19 -27.05
CA ASP A 76 -24.11 -15.82 -27.40
C ASP A 76 -24.90 -15.15 -26.26
N PRO A 77 -24.66 -15.59 -25.00
CA PRO A 77 -25.45 -15.07 -23.87
C PRO A 77 -25.76 -13.58 -23.92
N THR A 78 -24.76 -12.73 -23.67
CA THR A 78 -25.00 -11.30 -23.53
C THR A 78 -25.01 -10.55 -24.87
N ASN A 79 -25.83 -9.51 -24.95
CA ASN A 79 -25.87 -8.66 -26.14
C ASN A 79 -24.75 -7.62 -26.15
N LEU A 80 -24.65 -6.87 -27.23
CA LEU A 80 -23.56 -5.90 -27.41
C LEU A 80 -23.54 -4.81 -26.34
N GLN A 81 -24.72 -4.29 -26.02
CA GLN A 81 -24.85 -3.25 -25.01
C GLN A 81 -24.35 -3.72 -23.65
N GLY A 82 -24.69 -4.95 -23.28
CA GLY A 82 -24.30 -5.50 -22.00
C GLY A 82 -22.81 -5.79 -21.93
N LYS A 83 -22.27 -6.33 -23.02
CA LYS A 83 -20.85 -6.64 -23.06
C LYS A 83 -20.01 -5.37 -22.99
N LEU A 84 -20.48 -4.32 -23.67
CA LEU A 84 -19.79 -3.03 -23.65
C LEU A 84 -19.83 -2.39 -22.25
N GLN A 85 -20.96 -2.52 -21.56
CA GLN A 85 -21.08 -2.04 -20.19
C GLN A 85 -20.09 -2.75 -19.28
N LYS A 86 -20.03 -4.08 -19.39
CA LYS A 86 -19.11 -4.87 -18.58
C LYS A 86 -17.65 -4.50 -18.86
N HIS A 87 -17.35 -4.19 -20.11
CA HIS A 87 -15.95 -3.87 -20.43
C HIS A 87 -15.55 -2.50 -19.92
N GLN A 88 -16.50 -1.57 -19.93
CA GLN A 88 -16.22 -0.23 -19.42
C GLN A 88 -16.06 -0.22 -17.90
N ALA A 89 -16.78 -1.09 -17.21
CA ALA A 89 -16.59 -1.24 -15.77
C ALA A 89 -15.19 -1.83 -15.50
N PHE A 90 -14.79 -2.76 -16.35
CA PHE A 90 -13.49 -3.40 -16.24
C PHE A 90 -12.38 -2.37 -16.38
N GLU A 91 -12.39 -1.62 -17.48
CA GLU A 91 -11.41 -0.55 -17.66
C GLU A 91 -11.44 0.46 -16.51
N ALA A 92 -12.64 0.75 -16.01
CA ALA A 92 -12.80 1.73 -14.95
C ALA A 92 -12.07 1.30 -13.68
N GLU A 93 -12.28 0.05 -13.29
CA GLU A 93 -11.68 -0.48 -12.08
C GLU A 93 -10.16 -0.51 -12.17
N VAL A 94 -9.65 -0.95 -13.33
CA VAL A 94 -8.21 -0.99 -13.59
C VAL A 94 -7.55 0.39 -13.52
N GLN A 95 -8.14 1.39 -14.18
CA GLN A 95 -7.63 2.76 -14.12
C GLN A 95 -7.71 3.30 -12.69
N ALA A 96 -8.76 2.90 -11.96
CA ALA A 96 -8.97 3.37 -10.59
C ALA A 96 -7.88 2.87 -9.65
N ASN A 97 -7.19 1.84 -10.10
CA ASN A 97 -6.18 1.17 -9.27
C ASN A 97 -4.75 1.40 -9.77
N SER A 98 -4.59 2.34 -10.70
CA SER A 98 -3.28 2.59 -11.30
C SER A 98 -2.29 3.25 -10.33
N GLY A 99 -2.80 3.74 -9.19
CA GLY A 99 -1.94 4.31 -8.16
C GLY A 99 -1.26 3.24 -7.32
N ALA A 100 -1.78 2.02 -7.37
CA ALA A 100 -1.24 0.92 -6.58
C ALA A 100 0.24 0.66 -6.89
N ILE A 101 0.59 0.61 -8.17
CA ILE A 101 1.96 0.33 -8.56
C ILE A 101 2.85 1.56 -8.42
N VAL A 102 2.25 2.74 -8.47
CA VAL A 102 2.99 3.98 -8.26
C VAL A 102 3.55 4.07 -6.84
N LYS A 103 2.74 3.68 -5.86
CA LYS A 103 3.13 3.76 -4.46
C LYS A 103 4.21 2.75 -4.13
N LEU A 104 4.16 1.58 -4.77
CA LEU A 104 5.16 0.55 -4.58
C LEU A 104 6.51 0.95 -5.16
N ASP A 105 6.49 1.58 -6.33
CA ASP A 105 7.69 2.15 -6.92
C ASP A 105 8.34 3.14 -5.98
N GLU A 106 7.53 4.00 -5.37
CA GLU A 106 8.04 5.02 -4.47
C GLU A 106 8.69 4.39 -3.25
N THR A 107 8.00 3.42 -2.66
CA THR A 107 8.46 2.76 -1.47
C THR A 107 9.68 1.87 -1.75
N GLY A 108 9.61 1.12 -2.83
CA GLY A 108 10.69 0.22 -3.21
C GLY A 108 11.93 0.94 -3.68
N ASN A 109 11.75 1.99 -4.47
CA ASN A 109 12.88 2.78 -4.97
C ASN A 109 13.58 3.58 -3.88
N LEU A 110 12.84 3.92 -2.81
CA LEU A 110 13.47 4.63 -1.71
C LEU A 110 14.41 3.70 -0.96
N MET A 111 13.97 2.46 -0.73
CA MET A 111 14.83 1.47 -0.08
C MET A 111 16.09 1.19 -0.90
N ILE A 112 15.93 1.08 -2.22
CA ILE A 112 17.07 0.87 -3.11
C ILE A 112 18.04 2.04 -3.02
N SER A 113 17.50 3.25 -3.00
CA SER A 113 18.35 4.45 -2.96
C SER A 113 19.13 4.56 -1.65
N GLU A 114 18.68 3.86 -0.61
CA GLU A 114 19.35 3.90 0.70
C GLU A 114 20.42 2.82 0.84
N GLY A 115 20.42 1.83 -0.04
CA GLY A 115 21.30 0.69 0.08
C GLY A 115 20.71 -0.44 0.92
N HIS A 116 19.38 -0.50 0.97
CA HIS A 116 18.66 -1.52 1.73
C HIS A 116 19.13 -2.94 1.37
N PHE A 117 19.14 -3.84 2.35
CA PHE A 117 19.72 -5.17 2.19
C PHE A 117 19.05 -6.04 1.13
N ALA A 118 17.74 -5.87 0.92
CA ALA A 118 17.02 -6.65 -0.07
C ALA A 118 16.85 -5.92 -1.42
N SER A 119 17.76 -5.00 -1.69
CA SER A 119 17.71 -4.21 -2.93
C SER A 119 17.48 -5.04 -4.20
N GLU A 120 18.17 -6.18 -4.33
CA GLU A 120 18.08 -6.93 -5.58
C GLU A 120 16.69 -7.52 -5.76
N THR A 121 16.21 -8.16 -4.70
CA THR A 121 14.88 -8.72 -4.68
C THR A 121 13.82 -7.65 -4.97
N ILE A 122 13.98 -6.47 -4.37
CA ILE A 122 13.04 -5.38 -4.58
C ILE A 122 13.07 -4.86 -6.01
N ARG A 123 14.27 -4.67 -6.54
CA ARG A 123 14.41 -4.16 -7.90
C ARG A 123 13.76 -5.12 -8.86
N THR A 124 14.00 -6.40 -8.64
CA THR A 124 13.49 -7.44 -9.52
C THR A 124 11.96 -7.55 -9.46
N ARG A 125 11.41 -7.43 -8.26
CA ARG A 125 9.96 -7.52 -8.12
C ARG A 125 9.25 -6.33 -8.75
N LEU A 126 9.79 -5.13 -8.59
CA LEU A 126 9.23 -3.96 -9.26
C LEU A 126 9.20 -4.13 -10.79
N MET A 127 10.30 -4.63 -11.37
CA MET A 127 10.39 -4.85 -12.81
C MET A 127 9.28 -5.76 -13.32
N GLU A 128 9.10 -6.90 -12.64
CA GLU A 128 8.11 -7.88 -13.03
C GLU A 128 6.69 -7.36 -12.83
N LEU A 129 6.49 -6.54 -11.79
CA LEU A 129 5.16 -5.95 -11.55
C LEU A 129 4.76 -5.03 -12.69
N HIS A 130 5.69 -4.20 -13.14
CA HIS A 130 5.46 -3.28 -14.24
C HIS A 130 5.17 -4.02 -15.53
N ARG A 131 5.87 -5.12 -15.75
CA ARG A 131 5.72 -5.91 -16.96
C ARG A 131 4.30 -6.48 -17.06
N GLN A 132 3.80 -6.99 -15.95
CA GLN A 132 2.47 -7.59 -15.90
C GLN A 132 1.38 -6.53 -15.95
N TRP A 133 1.65 -5.38 -15.36
CA TRP A 133 0.69 -4.30 -15.37
C TRP A 133 0.56 -3.77 -16.78
N GLU A 134 1.69 -3.77 -17.49
CA GLU A 134 1.73 -3.21 -18.83
C GLU A 134 0.94 -4.07 -19.81
N LEU A 135 0.96 -5.38 -19.61
CA LEU A 135 0.21 -6.26 -20.51
C LEU A 135 -1.24 -6.47 -20.08
N LEU A 136 -1.53 -6.16 -18.82
CA LEU A 136 -2.93 -6.03 -18.42
C LEU A 136 -3.56 -4.88 -19.19
N LEU A 137 -2.86 -3.75 -19.24
CA LEU A 137 -3.33 -2.61 -20.01
C LEU A 137 -3.48 -3.00 -21.47
N GLU A 138 -2.45 -3.62 -22.03
CA GLU A 138 -2.42 -4.04 -23.42
C GLU A 138 -3.61 -4.92 -23.76
N LYS A 139 -3.74 -6.03 -23.04
CA LYS A 139 -4.84 -6.96 -23.21
C LYS A 139 -6.20 -6.29 -23.10
N MET A 140 -6.30 -5.33 -22.19
CA MET A 140 -7.54 -4.59 -21.93
C MET A 140 -7.95 -3.78 -23.16
N ARG A 141 -7.01 -3.08 -23.76
CA ARG A 141 -7.29 -2.34 -24.99
C ARG A 141 -7.59 -3.28 -26.16
N GLU A 142 -6.99 -4.47 -26.15
CA GLU A 142 -7.28 -5.46 -27.20
C GLU A 142 -8.72 -5.92 -27.11
N LYS A 143 -9.14 -6.25 -25.89
CA LYS A 143 -10.50 -6.75 -25.71
C LYS A 143 -11.51 -5.67 -26.10
N GLY A 144 -11.21 -4.42 -25.75
CA GLY A 144 -12.09 -3.31 -26.06
C GLY A 144 -12.30 -3.15 -27.55
N ILE A 145 -11.19 -3.13 -28.28
CA ILE A 145 -11.21 -3.01 -29.74
C ILE A 145 -11.97 -4.17 -30.39
N LYS A 146 -11.75 -5.37 -29.85
CA LYS A 146 -12.36 -6.59 -30.36
C LYS A 146 -13.88 -6.54 -30.28
N LEU A 147 -14.40 -5.74 -29.35
CA LEU A 147 -15.84 -5.66 -29.13
C LEU A 147 -16.52 -4.76 -30.16
N LEU A 148 -15.74 -3.87 -30.77
CA LEU A 148 -16.27 -2.98 -31.80
C LEU A 148 -16.45 -3.66 -33.15
N GLN A 149 -15.77 -4.79 -33.35
CA GLN A 149 -15.94 -5.56 -34.56
C GLN A 149 -17.42 -5.80 -34.89
N VAL B 10 1.35 -5.46 -56.52
CA VAL B 10 1.04 -6.73 -55.89
C VAL B 10 1.03 -6.60 -54.37
N LEU B 11 1.90 -5.76 -53.85
CA LEU B 11 2.00 -5.57 -52.40
C LEU B 11 1.28 -4.31 -51.93
N GLU B 12 0.82 -4.35 -50.69
CA GLU B 12 0.16 -3.21 -50.05
C GLU B 12 1.21 -2.29 -49.43
N THR B 13 1.05 -0.97 -49.62
CA THR B 13 1.99 -0.01 -49.04
C THR B 13 1.93 -0.04 -47.51
N ALA B 14 3.08 0.24 -46.90
CA ALA B 14 3.16 0.36 -45.46
C ALA B 14 2.18 1.43 -44.96
N GLU B 15 2.09 2.54 -45.68
CA GLU B 15 1.19 3.63 -45.30
C GLU B 15 -0.28 3.17 -45.24
N ASP B 16 -0.70 2.36 -46.22
CA ASP B 16 -2.07 1.83 -46.21
C ASP B 16 -2.31 0.89 -45.02
N ILE B 17 -1.31 0.10 -44.67
CA ILE B 17 -1.44 -0.84 -43.57
C ILE B 17 -1.55 -0.11 -42.24
N GLN B 18 -0.72 0.92 -42.06
CA GLN B 18 -0.75 1.71 -40.82
C GLN B 18 -2.03 2.54 -40.73
N GLU B 19 -2.49 3.07 -41.85
CA GLU B 19 -3.75 3.83 -41.88
C GLU B 19 -4.93 2.95 -41.47
N ARG B 20 -4.90 1.67 -41.82
CA ARG B 20 -5.97 0.75 -41.44
C ARG B 20 -6.01 0.58 -39.93
N ARG B 21 -4.83 0.57 -39.32
CA ARG B 21 -4.72 0.42 -37.88
C ARG B 21 -5.16 1.72 -37.22
N GLN B 22 -4.72 2.85 -37.77
CA GLN B 22 -5.10 4.16 -37.24
C GLN B 22 -6.61 4.34 -37.23
N GLN B 23 -7.29 3.84 -38.25
CA GLN B 23 -8.75 3.97 -38.32
C GLN B 23 -9.45 3.16 -37.23
N VAL B 24 -8.91 1.98 -36.94
CA VAL B 24 -9.43 1.17 -35.85
C VAL B 24 -9.24 1.91 -34.53
N LEU B 25 -8.10 2.56 -34.36
CA LEU B 25 -7.82 3.29 -33.13
C LEU B 25 -8.73 4.52 -32.98
N ASP B 26 -8.88 5.27 -34.06
CA ASP B 26 -9.74 6.46 -34.04
C ASP B 26 -11.18 6.13 -33.70
N ARG B 27 -11.67 4.99 -34.19
CA ARG B 27 -13.03 4.53 -33.90
C ARG B 27 -13.16 4.20 -32.42
N TYR B 28 -12.18 3.46 -31.92
CA TYR B 28 -12.10 3.07 -30.52
C TYR B 28 -12.04 4.29 -29.61
N HIS B 29 -11.16 5.25 -29.95
CA HIS B 29 -11.05 6.47 -29.16
C HIS B 29 -12.32 7.32 -29.21
N ARG B 30 -12.97 7.39 -30.37
CA ARG B 30 -14.22 8.13 -30.48
C ARG B 30 -15.28 7.59 -29.52
N PHE B 31 -15.40 6.27 -29.46
CA PHE B 31 -16.36 5.61 -28.58
C PHE B 31 -16.08 5.87 -27.09
N LYS B 32 -14.80 5.85 -26.71
CA LYS B 32 -14.46 6.17 -25.32
C LYS B 32 -14.76 7.63 -25.03
N GLU B 33 -14.43 8.50 -25.97
CA GLU B 33 -14.67 9.93 -25.80
C GLU B 33 -16.16 10.25 -25.70
N LEU B 34 -17.00 9.56 -26.47
CA LEU B 34 -18.44 9.80 -26.41
C LEU B 34 -19.05 9.28 -25.12
N SER B 35 -18.32 8.45 -24.40
CA SER B 35 -18.83 7.92 -23.14
C SER B 35 -17.96 8.36 -21.96
N THR B 36 -17.43 9.57 -22.03
CA THR B 36 -16.53 10.07 -20.99
C THR B 36 -17.23 10.21 -19.64
N LEU B 37 -18.45 10.72 -19.62
CA LEU B 37 -19.18 10.90 -18.38
C LEU B 37 -19.39 9.60 -17.62
N ARG B 38 -19.88 8.57 -18.32
CA ARG B 38 -20.10 7.28 -17.69
C ARG B 38 -18.80 6.72 -17.13
N ARG B 39 -17.74 6.80 -17.94
CA ARG B 39 -16.43 6.31 -17.54
C ARG B 39 -15.92 7.02 -16.28
N GLN B 40 -16.10 8.33 -16.22
CA GLN B 40 -15.71 9.13 -15.05
C GLN B 40 -16.37 8.63 -13.77
N LYS B 41 -17.69 8.47 -13.82
CA LYS B 41 -18.43 8.02 -12.65
C LYS B 41 -18.00 6.62 -12.21
N LEU B 42 -17.80 5.72 -13.17
CA LEU B 42 -17.37 4.35 -12.82
C LEU B 42 -16.02 4.37 -12.11
N GLU B 43 -15.06 5.10 -12.67
CA GLU B 43 -13.73 5.19 -12.07
C GLU B 43 -13.79 5.85 -10.68
N ASP B 44 -14.61 6.88 -10.55
CA ASP B 44 -14.82 7.52 -9.25
C ASP B 44 -15.34 6.55 -8.19
N SER B 45 -16.29 5.70 -8.56
CA SER B 45 -16.81 4.72 -7.63
C SER B 45 -15.70 3.75 -7.21
N TYR B 46 -14.93 3.26 -8.17
CA TYR B 46 -13.86 2.31 -7.86
C TYR B 46 -12.76 2.93 -7.01
N ARG B 47 -12.45 4.20 -7.25
CA ARG B 47 -11.40 4.87 -6.49
C ARG B 47 -11.77 4.98 -5.01
N PHE B 48 -13.04 5.25 -4.74
CA PHE B 48 -13.54 5.29 -3.38
C PHE B 48 -13.50 3.91 -2.73
N GLN B 49 -13.91 2.88 -3.47
CA GLN B 49 -13.83 1.52 -2.95
C GLN B 49 -12.43 1.16 -2.52
N PHE B 50 -11.44 1.49 -3.36
CA PHE B 50 -10.05 1.18 -3.02
C PHE B 50 -9.58 1.99 -1.83
N PHE B 51 -9.96 3.26 -1.78
CA PHE B 51 -9.57 4.13 -0.67
C PHE B 51 -10.10 3.59 0.66
N GLN B 52 -11.36 3.17 0.67
CA GLN B 52 -11.98 2.57 1.86
C GLN B 52 -11.26 1.30 2.28
N ARG B 53 -10.84 0.51 1.30
CA ARG B 53 -10.11 -0.72 1.56
C ARG B 53 -8.79 -0.37 2.23
N ASP B 54 -8.11 0.65 1.70
CA ASP B 54 -6.86 1.14 2.27
C ASP B 54 -7.03 1.62 3.72
N ALA B 55 -8.09 2.37 3.98
CA ALA B 55 -8.33 2.95 5.29
C ALA B 55 -8.60 1.86 6.31
N GLU B 56 -9.37 0.86 5.91
CA GLU B 56 -9.70 -0.28 6.75
C GLU B 56 -8.47 -1.12 7.10
N GLU B 57 -7.59 -1.31 6.14
CA GLU B 57 -6.36 -2.07 6.37
C GLU B 57 -5.50 -1.40 7.43
N LEU B 58 -5.26 -0.10 7.27
CA LEU B 58 -4.51 0.66 8.26
C LEU B 58 -5.20 0.68 9.63
N GLU B 59 -6.52 0.87 9.63
CA GLU B 59 -7.29 0.94 10.87
C GLU B 59 -7.20 -0.35 11.67
N LYS B 60 -7.25 -1.48 10.98
CA LYS B 60 -7.21 -2.79 11.62
C LYS B 60 -5.86 -3.02 12.26
N TRP B 61 -4.83 -2.48 11.62
CA TRP B 61 -3.45 -2.62 12.06
C TRP B 61 -3.19 -1.77 13.28
N ILE B 62 -3.68 -0.53 13.24
CA ILE B 62 -3.44 0.40 14.32
C ILE B 62 -4.06 -0.14 15.60
N GLN B 63 -5.26 -0.72 15.49
CA GLN B 63 -5.98 -1.25 16.65
C GLN B 63 -5.26 -2.45 17.24
N GLU B 64 -4.68 -3.27 16.36
CA GLU B 64 -3.87 -4.42 16.75
C GLU B 64 -2.65 -4.01 17.56
N LYS B 65 -2.00 -2.91 17.16
CA LYS B 65 -0.81 -2.44 17.85
C LYS B 65 -1.16 -1.62 19.09
N LEU B 66 -2.40 -1.18 19.14
CA LEU B 66 -2.90 -0.43 20.28
C LEU B 66 -3.26 -1.42 21.39
N GLN B 67 -3.82 -2.57 20.98
CA GLN B 67 -4.10 -3.66 21.91
C GLN B 67 -2.80 -4.13 22.56
N ILE B 68 -1.73 -4.17 21.77
CA ILE B 68 -0.44 -4.65 22.24
C ILE B 68 0.27 -3.66 23.15
N ALA B 69 0.20 -2.37 22.81
CA ALA B 69 0.90 -1.33 23.56
C ALA B 69 0.43 -1.19 25.01
N SER B 70 -0.49 -2.04 25.44
CA SER B 70 -0.96 -2.04 26.82
C SER B 70 -1.33 -3.45 27.27
N ASP B 71 -1.08 -4.43 26.40
CA ASP B 71 -1.39 -5.82 26.71
C ASP B 71 -0.12 -6.55 27.12
N GLU B 72 -0.25 -7.82 27.49
CA GLU B 72 0.87 -8.62 27.99
C GLU B 72 1.56 -7.90 29.15
N ASN B 73 0.82 -6.97 29.76
CA ASN B 73 1.33 -6.16 30.85
C ASN B 73 0.87 -6.68 32.20
N TYR B 74 1.60 -7.68 32.72
CA TYR B 74 1.30 -8.24 34.03
C TYR B 74 2.14 -7.54 35.10
N LYS B 75 3.43 -7.86 35.14
CA LYS B 75 4.36 -7.20 36.04
C LYS B 75 5.76 -7.16 35.41
N ASP B 76 6.06 -8.20 34.63
N ASP B 76 6.09 -8.21 34.66
CA ASP B 76 7.30 -8.27 33.86
CA ASP B 76 7.44 -8.39 34.09
C ASP B 76 8.48 -8.76 34.69
C ASP B 76 8.54 -8.23 35.14
N PRO B 77 8.53 -10.08 34.97
N PRO B 77 9.14 -9.37 35.54
CA PRO B 77 9.65 -10.71 35.65
CA PRO B 77 10.18 -9.43 36.58
C PRO B 77 10.81 -10.96 34.69
C PRO B 77 11.41 -8.59 36.24
N THR B 78 10.73 -10.33 33.52
N THR B 78 12.52 -9.26 35.94
CA THR B 78 11.75 -10.48 32.50
CA THR B 78 13.76 -8.57 35.60
C THR B 78 12.77 -9.36 32.57
C THR B 78 13.94 -8.49 34.07
N ASN B 79 14.01 -9.66 32.21
N ASN B 79 15.17 -8.77 33.61
CA ASN B 79 15.09 -8.68 32.20
CA ASN B 79 15.52 -8.63 32.20
C ASN B 79 14.66 -7.32 31.67
C ASN B 79 14.95 -7.35 31.59
N LEU B 80 15.10 -6.25 32.32
CA LEU B 80 14.74 -4.92 31.87
C LEU B 80 15.30 -4.69 30.47
N GLN B 81 16.43 -5.34 30.19
CA GLN B 81 17.06 -5.25 28.89
CA GLN B 81 17.07 -5.26 28.88
C GLN B 81 16.16 -5.82 27.79
N GLY B 82 15.65 -7.03 28.02
CA GLY B 82 14.80 -7.70 27.06
C GLY B 82 13.52 -6.95 26.77
N LYS B 83 12.95 -6.32 27.80
CA LYS B 83 11.73 -5.53 27.65
C LYS B 83 12.05 -4.24 26.89
N LEU B 84 13.25 -3.73 27.09
CA LEU B 84 13.69 -2.52 26.42
C LEU B 84 13.74 -2.76 24.91
N GLN B 85 14.45 -3.81 24.51
CA GLN B 85 14.63 -4.11 23.10
CA GLN B 85 14.64 -4.13 23.11
C GLN B 85 13.35 -4.58 22.43
N LYS B 86 12.40 -5.04 23.23
CA LYS B 86 11.09 -5.40 22.71
C LYS B 86 10.38 -4.14 22.25
N HIS B 87 10.37 -3.14 23.12
CA HIS B 87 9.77 -1.84 22.79
C HIS B 87 10.47 -1.13 21.64
N GLN B 88 11.78 -1.36 21.51
CA GLN B 88 12.54 -0.79 20.40
C GLN B 88 12.12 -1.45 19.10
N ALA B 89 11.82 -2.74 19.17
CA ALA B 89 11.32 -3.47 18.01
C ALA B 89 9.94 -2.93 17.63
N PHE B 90 9.06 -2.83 18.64
CA PHE B 90 7.74 -2.24 18.46
C PHE B 90 7.83 -0.86 17.83
N GLU B 91 8.67 0.01 18.38
CA GLU B 91 8.88 1.33 17.82
C GLU B 91 9.34 1.29 16.36
N ALA B 92 10.16 0.30 16.00
CA ALA B 92 10.71 0.23 14.64
C ALA B 92 9.63 -0.14 13.64
N GLU B 93 8.80 -1.12 14.01
CA GLU B 93 7.64 -1.50 13.22
C GLU B 93 6.74 -0.29 12.96
N VAL B 94 6.37 0.41 14.02
CA VAL B 94 5.45 1.54 13.89
C VAL B 94 6.03 2.64 13.02
N GLN B 95 7.32 2.90 13.16
CA GLN B 95 7.98 3.90 12.34
C GLN B 95 8.03 3.45 10.89
N ALA B 96 8.26 2.15 10.67
CA ALA B 96 8.25 1.59 9.32
C ALA B 96 6.92 1.82 8.58
N ASN B 97 5.83 1.97 9.33
CA ASN B 97 4.48 2.09 8.73
C ASN B 97 3.96 3.53 8.72
N SER B 98 4.78 4.48 9.15
CA SER B 98 4.35 5.88 9.21
C SER B 98 4.01 6.46 7.83
N GLY B 99 4.34 5.72 6.78
CA GLY B 99 4.05 6.15 5.43
C GLY B 99 2.61 5.86 5.03
N ALA B 100 1.96 4.95 5.73
CA ALA B 100 0.59 4.55 5.40
C ALA B 100 -0.39 5.71 5.48
N ILE B 101 -0.35 6.43 6.61
CA ILE B 101 -1.27 7.54 6.84
C ILE B 101 -0.99 8.67 5.85
N VAL B 102 0.28 8.88 5.52
CA VAL B 102 0.66 9.89 4.54
C VAL B 102 0.04 9.61 3.16
N LYS B 103 0.04 8.33 2.75
CA LYS B 103 -0.55 7.93 1.47
C LYS B 103 -2.07 8.08 1.43
N LEU B 104 -2.75 7.77 2.54
CA LEU B 104 -4.19 7.96 2.63
C LEU B 104 -4.59 9.41 2.43
N ASP B 105 -3.88 10.31 3.10
CA ASP B 105 -4.06 11.75 2.94
C ASP B 105 -4.00 12.15 1.48
N GLU B 106 -2.90 11.81 0.83
CA GLU B 106 -2.68 12.13 -0.57
C GLU B 106 -3.86 11.66 -1.42
N THR B 107 -4.22 10.39 -1.29
CA THR B 107 -5.33 9.81 -2.04
C THR B 107 -6.66 10.53 -1.76
N GLY B 108 -7.03 10.59 -0.49
CA GLY B 108 -8.27 11.20 -0.07
C GLY B 108 -8.38 12.67 -0.42
N ASN B 109 -7.32 13.41 -0.17
CA ASN B 109 -7.31 14.85 -0.49
C ASN B 109 -7.39 15.14 -1.98
N LEU B 110 -6.83 14.27 -2.81
CA LEU B 110 -6.88 14.48 -4.26
C LEU B 110 -8.32 14.33 -4.75
N MET B 111 -9.00 13.27 -4.33
CA MET B 111 -10.42 13.12 -4.64
C MET B 111 -11.20 14.33 -4.10
N ILE B 112 -10.89 14.76 -2.89
CA ILE B 112 -11.58 15.92 -2.32
C ILE B 112 -11.39 17.14 -3.21
N SER B 113 -10.18 17.32 -3.71
CA SER B 113 -9.87 18.47 -4.54
C SER B 113 -10.55 18.36 -5.91
N GLU B 114 -11.07 17.18 -6.23
CA GLU B 114 -11.71 16.94 -7.51
C GLU B 114 -13.23 17.01 -7.42
N GLY B 115 -13.74 17.24 -6.21
CA GLY B 115 -15.16 17.29 -5.96
C GLY B 115 -15.81 15.91 -6.02
N HIS B 116 -15.07 14.89 -5.58
CA HIS B 116 -15.58 13.53 -5.53
C HIS B 116 -16.89 13.48 -4.75
N PHE B 117 -17.82 12.64 -5.18
CA PHE B 117 -19.14 12.54 -4.55
C PHE B 117 -19.13 12.08 -3.09
N ALA B 118 -18.01 11.52 -2.62
CA ALA B 118 -17.93 11.05 -1.24
C ALA B 118 -16.98 11.89 -0.40
N SER B 119 -16.78 13.13 -0.81
CA SER B 119 -15.87 14.02 -0.11
C SER B 119 -16.09 14.02 1.41
N GLU B 120 -17.34 14.21 1.85
CA GLU B 120 -17.61 14.33 3.28
C GLU B 120 -17.26 13.06 4.06
N THR B 121 -17.57 11.91 3.47
CA THR B 121 -17.23 10.62 4.07
C THR B 121 -15.72 10.42 4.11
N ILE B 122 -15.03 10.88 3.07
CA ILE B 122 -13.57 10.84 3.02
C ILE B 122 -12.98 11.72 4.12
N ARG B 123 -13.45 12.96 4.18
CA ARG B 123 -13.01 13.91 5.20
C ARG B 123 -13.06 13.34 6.62
N THR B 124 -14.18 12.76 7.01
CA THR B 124 -14.31 12.25 8.38
C THR B 124 -13.53 10.95 8.59
N ARG B 125 -13.40 10.15 7.53
CA ARG B 125 -12.61 8.94 7.59
C ARG B 125 -11.15 9.29 7.87
N LEU B 126 -10.68 10.38 7.26
CA LEU B 126 -9.30 10.78 7.44
C LEU B 126 -9.01 11.27 8.87
N MET B 127 -9.87 12.11 9.42
CA MET B 127 -9.60 12.63 10.75
C MET B 127 -9.72 11.54 11.81
N GLU B 128 -10.53 10.53 11.52
CA GLU B 128 -10.68 9.38 12.40
C GLU B 128 -9.45 8.48 12.40
N LEU B 129 -8.77 8.37 11.26
CA LEU B 129 -7.54 7.59 11.20
C LEU B 129 -6.36 8.37 11.78
N HIS B 130 -6.34 9.68 11.55
CA HIS B 130 -5.31 10.53 12.14
C HIS B 130 -5.42 10.55 13.66
N ARG B 131 -6.64 10.35 14.15
CA ARG B 131 -6.89 10.35 15.59
C ARG B 131 -6.39 9.05 16.21
N GLN B 132 -6.71 7.94 15.56
CA GLN B 132 -6.25 6.64 16.03
C GLN B 132 -4.72 6.55 15.91
N TRP B 133 -4.17 7.20 14.90
CA TRP B 133 -2.73 7.17 14.67
C TRP B 133 -1.98 7.98 15.73
N GLU B 134 -2.43 9.20 15.98
CA GLU B 134 -1.85 10.05 17.01
C GLU B 134 -1.97 9.41 18.39
N LEU B 135 -3.04 8.65 18.59
CA LEU B 135 -3.22 7.95 19.85
C LEU B 135 -2.14 6.88 20.03
N LEU B 136 -1.97 6.05 19.02
CA LEU B 136 -0.96 5.00 19.04
C LEU B 136 0.44 5.53 19.35
N LEU B 137 0.79 6.68 18.77
CA LEU B 137 2.11 7.28 19.02
C LEU B 137 2.25 7.78 20.46
N GLU B 138 1.13 8.15 21.07
CA GLU B 138 1.11 8.65 22.44
C GLU B 138 1.29 7.51 23.43
N LYS B 139 0.48 6.46 23.29
CA LYS B 139 0.57 5.29 24.15
C LYS B 139 1.89 4.53 23.94
N MET B 140 2.53 4.75 22.81
CA MET B 140 3.84 4.16 22.55
C MET B 140 4.90 4.90 23.35
N ARG B 141 4.78 6.22 23.39
CA ARG B 141 5.70 7.03 24.21
C ARG B 141 5.47 6.78 25.70
N GLU B 142 4.21 6.77 26.12
CA GLU B 142 3.89 6.53 27.52
C GLU B 142 4.50 5.23 28.02
N LYS B 143 4.45 4.21 27.17
CA LYS B 143 5.00 2.91 27.52
C LYS B 143 6.53 2.97 27.56
N GLY B 144 7.08 3.83 26.70
CA GLY B 144 8.52 3.95 26.56
C GLY B 144 9.22 4.49 27.80
N ILE B 145 8.72 5.60 28.32
CA ILE B 145 9.36 6.24 29.47
C ILE B 145 8.95 5.57 30.77
N LYS B 146 7.71 5.08 30.83
CA LYS B 146 7.22 4.39 32.03
C LYS B 146 7.67 2.94 32.12
N LEU B 147 8.90 2.67 31.65
CA LEU B 147 9.57 1.41 31.93
C LEU B 147 11.00 1.72 32.39
N LEU B 148 11.42 2.96 32.14
CA LEU B 148 12.62 3.51 32.74
C LEU B 148 12.20 4.16 34.05
N GLN B 149 11.13 4.96 33.99
CA GLN B 149 10.60 5.68 35.14
C GLN B 149 11.67 6.52 35.84
#